data_4IYQ
#
_entry.id   4IYQ
#
_cell.length_a   87.490
_cell.length_b   32.580
_cell.length_c   89.080
_cell.angle_alpha   90.000
_cell.angle_beta   119.650
_cell.angle_gamma   90.000
#
_symmetry.space_group_name_H-M   'P 1 21 1'
#
loop_
_entity.id
_entity.type
_entity.pdbx_description
1 polymer 'Divalent ion tolerance protein CutA1'
2 non-polymer 'CALCIUM ION'
3 water water
#
_entity_poly.entity_id   1
_entity_poly.type   'polypeptide(L)'
_entity_poly.pdbx_seq_one_letter_code
;MAHHHHHHMGTLEAQTQGPGSMKNISLLYTTTPTYEDAYRISNILLENKLIACANIFSNITSVYVWEDEIHNNTECAIIL
KTTNDLVQHATNKIQAIHPYDTPAIITIDPTNANDKFIQWVNDCTAL
;
_entity_poly.pdbx_strand_id   A,B,C
#
loop_
_chem_comp.id
_chem_comp.type
_chem_comp.name
_chem_comp.formula
CA non-polymer 'CALCIUM ION' 'Ca 2'
#
# COMPACT_ATOMS: atom_id res chain seq x y z
N SER A 21 -7.41 -2.99 23.10
CA SER A 21 -6.47 -3.76 22.28
C SER A 21 -6.96 -5.18 22.10
N MET A 22 -8.27 -5.39 22.22
CA MET A 22 -8.78 -6.74 22.12
C MET A 22 -8.69 -7.23 20.67
N LYS A 23 -9.12 -6.42 19.71
CA LYS A 23 -9.28 -6.90 18.35
C LYS A 23 -8.14 -6.55 17.34
N ASN A 24 -7.82 -7.47 16.46
CA ASN A 24 -6.80 -7.27 15.42
C ASN A 24 -7.22 -6.25 14.39
N ILE A 25 -6.27 -5.51 13.84
CA ILE A 25 -6.59 -4.46 12.89
C ILE A 25 -6.68 -4.92 11.44
N SER A 26 -7.43 -4.15 10.66
CA SER A 26 -7.50 -4.34 9.21
C SER A 26 -7.26 -3.01 8.46
N LEU A 27 -6.76 -3.10 7.24
CA LEU A 27 -6.61 -1.91 6.42
C LEU A 27 -7.64 -1.94 5.28
N LEU A 28 -8.26 -0.80 5.01
CA LEU A 28 -9.11 -0.69 3.84
C LEU A 28 -8.50 0.30 2.85
N TYR A 29 -8.55 -0.07 1.58
CA TYR A 29 -8.03 0.75 0.51
C TYR A 29 -9.13 1.09 -0.48
N THR A 30 -9.22 2.36 -0.87
CA THR A 30 -10.19 2.80 -1.86
C THR A 30 -9.63 4.01 -2.62
N THR A 31 -10.24 4.33 -3.75
CA THR A 31 -9.82 5.50 -4.50
C THR A 31 -11.02 6.44 -4.76
N THR A 32 -10.76 7.72 -4.96
CA THR A 32 -11.80 8.72 -5.16
C THR A 32 -11.41 9.67 -6.29
N PRO A 33 -12.40 10.27 -6.96
CA PRO A 33 -12.06 11.18 -8.05
C PRO A 33 -11.38 12.47 -7.59
N THR A 34 -11.70 12.97 -6.40
CA THR A 34 -11.10 14.21 -5.92
C THR A 34 -10.57 14.04 -4.50
N TYR A 35 -9.74 14.99 -4.06
CA TYR A 35 -9.33 15.02 -2.66
C TYR A 35 -10.52 15.23 -1.72
N GLU A 36 -11.43 16.13 -2.10
CA GLU A 36 -12.59 16.45 -1.26
C GLU A 36 -13.43 15.21 -0.98
N ASP A 37 -13.64 14.38 -2.00
CA ASP A 37 -14.35 13.12 -1.84
C ASP A 37 -13.68 12.23 -0.80
N ALA A 38 -12.34 12.16 -0.85
CA ALA A 38 -11.58 11.33 0.08
C ALA A 38 -11.67 11.86 1.50
N TYR A 39 -11.61 13.17 1.65
CA TYR A 39 -11.70 13.77 2.98
C TYR A 39 -13.08 13.49 3.53
N ARG A 40 -14.09 13.63 2.68
CA ARG A 40 -15.46 13.45 3.10
C ARG A 40 -15.70 12.01 3.62
N ILE A 41 -15.23 11.03 2.87
CA ILE A 41 -15.38 9.66 3.27
C ILE A 41 -14.64 9.40 4.60
N SER A 42 -13.43 9.92 4.68
CA SER A 42 -12.60 9.81 5.85
C SER A 42 -13.37 10.37 7.05
N ASN A 43 -13.87 11.58 6.86
CA ASN A 43 -14.70 12.26 7.84
C ASN A 43 -15.91 11.48 8.33
N ILE A 44 -16.76 11.05 7.39
CA ILE A 44 -17.99 10.32 7.71
C ILE A 44 -17.69 9.02 8.47
N LEU A 45 -16.66 8.29 8.03
CA LEU A 45 -16.28 7.07 8.74
C LEU A 45 -15.76 7.36 10.14
N LEU A 46 -14.98 8.43 10.29
CA LEU A 46 -14.44 8.79 11.59
C LEU A 46 -15.57 9.16 12.56
N GLU A 47 -16.52 9.96 12.09
CA GLU A 47 -17.56 10.42 12.99
C GLU A 47 -18.45 9.24 13.37
N ASN A 48 -18.45 8.18 12.57
CA ASN A 48 -19.21 6.97 12.91
C ASN A 48 -18.38 5.96 13.70
N LYS A 49 -17.16 6.36 14.07
CA LYS A 49 -16.28 5.48 14.82
C LYS A 49 -16.06 4.15 14.10
N LEU A 50 -16.11 4.19 12.76
CA LEU A 50 -15.91 2.98 11.95
C LEU A 50 -14.45 2.79 11.55
N ILE A 51 -13.68 3.88 11.58
CA ILE A 51 -12.22 3.83 11.42
C ILE A 51 -11.55 4.69 12.50
N ALA A 52 -10.24 4.51 12.66
CA ALA A 52 -9.42 5.26 13.60
C ALA A 52 -8.64 6.37 12.89
N CYS A 53 -8.31 6.13 11.63
CA CYS A 53 -7.63 7.13 10.84
C CYS A 53 -7.64 6.80 9.35
N ALA A 54 -7.30 7.82 8.57
CA ALA A 54 -7.18 7.69 7.13
C ALA A 54 -5.87 8.30 6.66
N ASN A 55 -5.21 7.63 5.74
CA ASN A 55 -4.07 8.22 5.04
C ASN A 55 -4.47 8.51 3.60
N ILE A 56 -4.46 9.79 3.24
CA ILE A 56 -4.88 10.18 1.91
C ILE A 56 -3.69 10.49 1.03
N PHE A 57 -3.59 9.76 -0.08
CA PHE A 57 -2.57 9.95 -1.10
C PHE A 57 -3.20 10.69 -2.29
N SER A 58 -2.65 11.85 -2.63
CA SER A 58 -3.15 12.68 -3.73
C SER A 58 -2.44 12.46 -5.07
N ASN A 59 -3.07 12.94 -6.14
CA ASN A 59 -2.45 12.92 -7.48
C ASN A 59 -1.91 11.54 -7.84
N ILE A 60 -2.75 10.53 -7.70
CA ILE A 60 -2.36 9.23 -8.22
C ILE A 60 -3.05 9.12 -9.57
N THR A 61 -2.43 8.41 -10.50
CA THR A 61 -3.07 8.21 -11.79
C THR A 61 -3.61 6.80 -11.89
N SER A 62 -4.87 6.67 -12.25
CA SER A 62 -5.45 5.35 -12.39
C SER A 62 -5.64 5.08 -13.88
N VAL A 63 -5.25 3.89 -14.33
CA VAL A 63 -5.31 3.51 -15.73
C VAL A 63 -6.11 2.21 -15.88
N TYR A 64 -7.02 2.18 -16.84
CA TYR A 64 -7.97 1.07 -16.98
C TYR A 64 -8.57 1.14 -18.40
N VAL A 65 -9.35 0.13 -18.79
CA VAL A 65 -10.04 0.19 -20.08
C VAL A 65 -11.54 0.49 -19.93
N TRP A 66 -12.04 1.41 -20.76
CA TRP A 66 -13.48 1.66 -20.86
C TRP A 66 -13.86 1.74 -22.32
N GLU A 67 -14.92 1.02 -22.70
CA GLU A 67 -15.40 1.02 -24.06
C GLU A 67 -14.26 0.66 -25.01
N ASP A 68 -13.47 -0.34 -24.62
CA ASP A 68 -12.39 -0.87 -25.44
C ASP A 68 -11.22 0.11 -25.73
N GLU A 69 -11.11 1.20 -24.99
CA GLU A 69 -9.93 2.03 -25.11
C GLU A 69 -9.33 2.24 -23.71
N ILE A 70 -8.05 2.58 -23.66
CA ILE A 70 -7.38 2.75 -22.38
C ILE A 70 -7.53 4.17 -21.91
N HIS A 71 -8.06 4.33 -20.71
CA HIS A 71 -8.27 5.66 -20.16
C HIS A 71 -7.50 5.82 -18.89
N ASN A 72 -7.24 7.07 -18.55
CA ASN A 72 -6.61 7.38 -17.28
C ASN A 72 -7.19 8.65 -16.70
N ASN A 73 -7.28 8.71 -15.38
CA ASN A 73 -7.62 9.95 -14.74
C ASN A 73 -6.88 10.07 -13.42
N THR A 74 -6.99 11.25 -12.81
CA THR A 74 -6.30 11.48 -11.57
C THR A 74 -7.27 11.18 -10.44
N GLU A 75 -6.75 10.57 -9.38
CA GLU A 75 -7.53 10.19 -8.22
C GLU A 75 -6.76 10.43 -6.92
N CYS A 76 -7.45 10.23 -5.80
CA CYS A 76 -6.79 10.09 -4.52
C CYS A 76 -6.94 8.65 -4.07
N ALA A 77 -5.94 8.12 -3.39
CA ALA A 77 -6.08 6.81 -2.77
C ALA A 77 -6.20 7.02 -1.28
N ILE A 78 -6.89 6.10 -0.61
CA ILE A 78 -6.97 6.17 0.84
C ILE A 78 -6.67 4.83 1.48
N ILE A 79 -5.86 4.88 2.54
CA ILE A 79 -5.73 3.75 3.43
C ILE A 79 -6.47 4.07 4.72
N LEU A 80 -7.42 3.21 5.06
CA LEU A 80 -8.24 3.39 6.24
C LEU A 80 -7.88 2.32 7.26
N LYS A 81 -7.80 2.68 8.52
CA LYS A 81 -7.44 1.71 9.55
C LYS A 81 -8.55 1.47 10.57
N THR A 82 -8.87 0.20 10.78
CA THR A 82 -9.91 -0.16 11.74
C THR A 82 -9.67 -1.54 12.36
N THR A 83 -10.61 -2.05 13.15
CA THR A 83 -10.50 -3.41 13.67
C THR A 83 -11.26 -4.36 12.75
N ASN A 84 -10.87 -5.65 12.78
CA ASN A 84 -11.42 -6.63 11.85
C ASN A 84 -12.93 -6.87 11.94
N ASP A 85 -13.53 -6.61 13.09
CA ASP A 85 -14.97 -6.84 13.21
C ASP A 85 -15.76 -5.70 12.57
N LEU A 86 -15.06 -4.63 12.19
CA LEU A 86 -15.77 -3.47 11.62
C LEU A 86 -15.61 -3.37 10.10
N VAL A 87 -14.82 -4.27 9.52
CA VAL A 87 -14.49 -4.22 8.10
C VAL A 87 -15.73 -4.26 7.19
N GLN A 88 -16.61 -5.20 7.46
CA GLN A 88 -17.80 -5.32 6.65
C GLN A 88 -18.69 -4.05 6.81
N HIS A 89 -18.86 -3.57 8.05
CA HIS A 89 -19.68 -2.38 8.29
C HIS A 89 -19.05 -1.17 7.57
N ALA A 90 -17.73 -1.03 7.67
CA ALA A 90 -17.03 0.08 7.02
C ALA A 90 -17.10 -0.04 5.49
N THR A 91 -16.94 -1.25 4.94
CA THR A 91 -17.08 -1.42 3.50
C THR A 91 -18.50 -1.06 3.01
N ASN A 92 -19.52 -1.56 3.70
CA ASN A 92 -20.89 -1.27 3.33
C ASN A 92 -21.13 0.22 3.36
N LYS A 93 -20.55 0.89 4.36
CA LYS A 93 -20.75 2.33 4.51
C LYS A 93 -20.08 3.08 3.36
N ILE A 94 -18.84 2.69 3.03
CA ILE A 94 -18.10 3.31 1.94
C ILE A 94 -18.84 3.15 0.62
N GLN A 95 -19.42 1.97 0.39
CA GLN A 95 -20.18 1.72 -0.85
C GLN A 95 -21.39 2.66 -0.94
N ALA A 96 -22.08 2.85 0.17
CA ALA A 96 -23.27 3.70 0.19
C ALA A 96 -22.95 5.16 -0.10
N ILE A 97 -21.79 5.65 0.31
CA ILE A 97 -21.52 7.08 0.19
C ILE A 97 -20.54 7.45 -0.91
N HIS A 98 -19.97 6.43 -1.57
CA HIS A 98 -18.93 6.65 -2.59
C HIS A 98 -19.51 7.28 -3.86
N PRO A 99 -18.80 8.24 -4.44
CA PRO A 99 -19.22 8.84 -5.72
C PRO A 99 -19.29 7.84 -6.87
N TYR A 100 -18.42 6.84 -6.87
CA TYR A 100 -18.42 5.83 -7.94
C TYR A 100 -19.52 4.79 -7.70
N ASP A 101 -20.14 4.34 -8.79
CA ASP A 101 -21.07 3.22 -8.72
C ASP A 101 -20.34 1.93 -8.39
N THR A 102 -19.17 1.76 -8.98
CA THR A 102 -18.34 0.60 -8.72
C THR A 102 -16.99 1.01 -8.16
N PRO A 103 -16.94 1.32 -6.85
CA PRO A 103 -15.67 1.68 -6.24
C PRO A 103 -14.82 0.45 -5.91
N ALA A 104 -13.50 0.61 -5.89
CA ALA A 104 -12.63 -0.41 -5.32
C ALA A 104 -12.59 -0.23 -3.81
N ILE A 105 -13.14 -1.18 -3.07
CA ILE A 105 -13.02 -1.15 -1.62
C ILE A 105 -12.41 -2.45 -1.17
N ILE A 106 -11.13 -2.39 -0.85
CA ILE A 106 -10.29 -3.57 -0.71
C ILE A 106 -9.73 -3.69 0.72
N THR A 107 -9.82 -4.88 1.29
CA THR A 107 -9.40 -5.12 2.66
C THR A 107 -8.11 -5.92 2.71
N ILE A 108 -7.13 -5.40 3.45
CA ILE A 108 -5.91 -6.13 3.66
C ILE A 108 -5.76 -6.32 5.16
N ASP A 109 -5.56 -7.57 5.59
CA ASP A 109 -5.35 -7.90 6.99
C ASP A 109 -3.86 -8.05 7.24
N PRO A 110 -3.26 -7.08 7.95
CA PRO A 110 -1.83 -7.14 8.29
C PRO A 110 -1.56 -8.39 9.09
N THR A 111 -0.34 -8.93 9.08
CA THR A 111 -0.09 -10.11 9.89
C THR A 111 0.25 -9.67 11.30
N ASN A 112 0.70 -8.44 11.45
CA ASN A 112 1.10 -7.93 12.75
C ASN A 112 1.15 -6.40 12.85
N ALA A 113 0.99 -5.89 14.06
CA ALA A 113 1.28 -4.49 14.34
C ALA A 113 1.74 -4.32 15.79
N ASN A 114 2.38 -3.20 16.08
CA ASN A 114 2.79 -2.87 17.44
C ASN A 114 1.58 -2.68 18.40
N ASP A 115 1.72 -3.17 19.63
CA ASP A 115 0.65 -3.16 20.63
C ASP A 115 0.02 -1.80 20.90
N LYS A 116 0.84 -0.77 21.13
CA LYS A 116 0.30 0.55 21.44
C LYS A 116 -0.66 1.03 20.33
N PHE A 117 -0.33 0.72 19.07
CA PHE A 117 -1.15 1.14 17.94
C PHE A 117 -2.45 0.33 17.83
N ILE A 118 -2.37 -0.99 18.06
CA ILE A 118 -3.56 -1.84 18.03
C ILE A 118 -4.55 -1.39 19.10
N GLN A 119 -3.99 -1.07 20.28
CA GLN A 119 -4.74 -0.53 21.40
C GLN A 119 -5.47 0.76 21.00
N TRP A 120 -4.72 1.64 20.35
CA TRP A 120 -5.23 2.93 19.95
C TRP A 120 -6.37 2.78 18.94
N VAL A 121 -6.17 1.94 17.94
CA VAL A 121 -7.19 1.73 16.91
C VAL A 121 -8.45 1.18 17.54
N ASN A 122 -8.27 0.23 18.46
CA ASN A 122 -9.38 -0.31 19.25
C ASN A 122 -10.13 0.73 20.06
N ASP A 123 -9.41 1.57 20.81
CA ASP A 123 -10.03 2.58 21.66
C ASP A 123 -10.78 3.64 20.84
N CYS A 124 -10.25 3.97 19.67
CA CYS A 124 -10.88 4.96 18.80
C CYS A 124 -12.19 4.45 18.21
N THR A 125 -12.31 3.14 18.01
CA THR A 125 -13.44 2.63 17.25
C THR A 125 -14.48 1.85 18.06
N ALA A 126 -14.15 1.54 19.30
CA ALA A 126 -15.07 0.81 20.18
C ALA A 126 -16.21 1.68 20.70
N LEU A 127 -17.42 1.15 20.60
CA LEU A 127 -18.58 1.79 21.18
C LEU A 127 -18.45 1.79 22.72
N SER B 21 -17.61 -12.94 -11.43
CA SER B 21 -17.12 -12.58 -10.09
C SER B 21 -16.60 -13.81 -9.36
N MET B 22 -16.21 -14.82 -10.12
CA MET B 22 -15.79 -16.10 -9.54
C MET B 22 -14.43 -16.03 -8.81
N LYS B 23 -13.46 -15.32 -9.38
CA LYS B 23 -12.08 -15.41 -8.89
C LYS B 23 -11.70 -14.27 -7.92
N ASN B 24 -10.93 -14.59 -6.89
CA ASN B 24 -10.47 -13.57 -5.94
C ASN B 24 -9.47 -12.60 -6.54
N ILE B 25 -9.46 -11.38 -6.02
CA ILE B 25 -8.54 -10.39 -6.58
C ILE B 25 -7.16 -10.49 -5.92
N SER B 26 -6.13 -10.06 -6.64
CA SER B 26 -4.79 -9.88 -6.10
C SER B 26 -4.22 -8.51 -6.42
N LEU B 27 -3.31 -8.03 -5.58
CA LEU B 27 -2.63 -6.79 -5.83
C LEU B 27 -1.19 -7.07 -6.21
N LEU B 28 -0.68 -6.35 -7.19
CA LEU B 28 0.74 -6.40 -7.51
C LEU B 28 1.33 -5.02 -7.22
N TYR B 29 2.52 -5.00 -6.63
CA TYR B 29 3.22 -3.76 -6.34
C TYR B 29 4.59 -3.79 -7.01
N THR B 30 4.94 -2.71 -7.71
CA THR B 30 6.26 -2.63 -8.34
C THR B 30 6.63 -1.16 -8.44
N THR B 31 7.90 -0.88 -8.66
CA THR B 31 8.32 0.51 -8.83
C THR B 31 9.08 0.67 -10.15
N THR B 32 9.12 1.90 -10.65
CA THR B 32 9.75 2.17 -11.93
C THR B 32 10.54 3.46 -11.83
N PRO B 33 11.59 3.60 -12.65
CA PRO B 33 12.37 4.84 -12.55
C PRO B 33 11.60 6.09 -12.99
N THR B 34 10.68 5.94 -13.94
CA THR B 34 9.93 7.09 -14.47
C THR B 34 8.43 6.86 -14.49
N TYR B 35 7.67 7.94 -14.67
CA TYR B 35 6.23 7.79 -14.87
C TYR B 35 5.92 7.05 -16.19
N GLU B 36 6.65 7.40 -17.25
CA GLU B 36 6.42 6.79 -18.56
C GLU B 36 6.55 5.27 -18.52
N ASP B 37 7.56 4.78 -17.80
CA ASP B 37 7.74 3.35 -17.56
C ASP B 37 6.52 2.73 -16.87
N ALA B 38 6.00 3.44 -15.87
CA ALA B 38 4.84 2.96 -15.15
C ALA B 38 3.61 2.95 -16.07
N TYR B 39 3.48 3.99 -16.87
CA TYR B 39 2.35 4.07 -17.77
C TYR B 39 2.45 2.97 -18.82
N ARG B 40 3.66 2.80 -19.35
CA ARG B 40 3.88 1.79 -20.38
C ARG B 40 3.55 0.39 -19.89
N ILE B 41 4.07 0.04 -18.71
CA ILE B 41 3.79 -1.25 -18.13
C ILE B 41 2.29 -1.49 -17.90
N SER B 42 1.62 -0.48 -17.34
CA SER B 42 0.18 -0.54 -17.11
C SER B 42 -0.55 -0.82 -18.42
N ASN B 43 -0.23 -0.02 -19.42
CA ASN B 43 -0.74 -0.20 -20.77
C ASN B 43 -0.56 -1.59 -21.34
N ILE B 44 0.67 -2.08 -21.32
CA ILE B 44 0.95 -3.41 -21.87
C ILE B 44 0.13 -4.44 -21.11
N LEU B 45 0.08 -4.34 -19.79
CA LEU B 45 -0.70 -5.29 -19.00
C LEU B 45 -2.20 -5.21 -19.30
N LEU B 46 -2.72 -3.99 -19.45
CA LEU B 46 -4.15 -3.83 -19.77
C LEU B 46 -4.45 -4.44 -21.14
N GLU B 47 -3.58 -4.19 -22.10
CA GLU B 47 -3.80 -4.62 -23.47
C GLU B 47 -3.81 -6.14 -23.57
N ASN B 48 -3.10 -6.79 -22.65
CA ASN B 48 -3.05 -8.25 -22.61
C ASN B 48 -4.11 -8.83 -21.67
N LYS B 49 -4.99 -7.98 -21.15
CA LYS B 49 -6.06 -8.40 -20.23
C LYS B 49 -5.49 -9.14 -18.99
N LEU B 50 -4.29 -8.75 -18.58
CA LEU B 50 -3.62 -9.33 -17.43
C LEU B 50 -3.93 -8.59 -16.11
N ILE B 51 -4.37 -7.34 -16.20
CA ILE B 51 -4.86 -6.60 -15.03
C ILE B 51 -6.16 -5.87 -15.35
N ALA B 52 -6.85 -5.37 -14.33
CA ALA B 52 -8.07 -4.61 -14.57
C ALA B 52 -7.82 -3.12 -14.47
N CYS B 53 -6.87 -2.76 -13.63
CA CYS B 53 -6.48 -1.36 -13.50
C CYS B 53 -5.16 -1.25 -12.78
N ALA B 54 -4.58 -0.06 -12.84
CA ALA B 54 -3.34 0.28 -12.17
C ALA B 54 -3.47 1.62 -11.45
N ASN B 55 -2.92 1.70 -10.25
CA ASN B 55 -2.81 2.97 -9.56
C ASN B 55 -1.35 3.37 -9.51
N ILE B 56 -1.04 4.49 -10.14
CA ILE B 56 0.34 4.96 -10.19
C ILE B 56 0.58 6.11 -9.23
N PHE B 57 1.51 5.89 -8.30
CA PHE B 57 1.93 6.91 -7.35
C PHE B 57 3.25 7.51 -7.83
N SER B 58 3.27 8.82 -8.04
CA SER B 58 4.47 9.52 -8.54
C SER B 58 5.35 10.04 -7.42
N ASN B 59 6.58 10.40 -7.77
CA ASN B 59 7.51 11.07 -6.85
C ASN B 59 7.65 10.38 -5.50
N ILE B 60 7.91 9.08 -5.52
CA ILE B 60 8.22 8.41 -4.27
C ILE B 60 9.75 8.42 -4.20
N THR B 61 10.30 8.46 -3.01
CA THR B 61 11.75 8.41 -2.86
C THR B 61 12.15 7.02 -2.42
N SER B 62 13.07 6.44 -3.16
CA SER B 62 13.50 5.09 -2.85
C SER B 62 14.91 5.20 -2.27
N VAL B 63 15.12 4.56 -1.12
CA VAL B 63 16.36 4.66 -0.38
C VAL B 63 16.90 3.26 -0.11
N TYR B 64 18.19 3.05 -0.37
CA TYR B 64 18.77 1.71 -0.33
C TYR B 64 20.29 1.79 -0.24
N VAL B 65 20.93 0.66 -0.01
CA VAL B 65 22.39 0.67 -0.01
C VAL B 65 22.94 0.04 -1.28
N TRP B 66 23.91 0.74 -1.86
CA TRP B 66 24.67 0.26 -2.99
C TRP B 66 26.14 0.58 -2.71
N GLU B 67 27.02 -0.40 -2.89
CA GLU B 67 28.46 -0.20 -2.72
C GLU B 67 28.80 0.38 -1.34
N ASP B 68 28.13 -0.13 -0.31
CA ASP B 68 28.35 0.26 1.08
C ASP B 68 27.98 1.74 1.33
N GLU B 69 27.24 2.34 0.41
CA GLU B 69 26.75 3.68 0.65
C GLU B 69 25.23 3.74 0.48
N ILE B 70 24.61 4.74 1.10
CA ILE B 70 23.16 4.86 1.04
C ILE B 70 22.78 5.75 -0.13
N HIS B 71 22.00 5.20 -1.05
CA HIS B 71 21.61 5.95 -2.23
C HIS B 71 20.11 6.15 -2.27
N ASN B 72 19.72 7.14 -3.05
CA ASN B 72 18.32 7.36 -3.25
C ASN B 72 18.03 7.87 -4.65
N ASN B 73 16.87 7.53 -5.17
CA ASN B 73 16.42 8.16 -6.38
C ASN B 73 14.91 8.28 -6.40
N THR B 74 14.40 9.02 -7.37
CA THR B 74 12.98 9.26 -7.44
C THR B 74 12.37 8.18 -8.31
N GLU B 75 11.24 7.64 -7.89
CA GLU B 75 10.57 6.58 -8.62
C GLU B 75 9.04 6.75 -8.63
N CYS B 76 8.38 5.90 -9.40
CA CYS B 76 6.96 5.76 -9.31
C CYS B 76 6.65 4.41 -8.70
N ALA B 77 5.59 4.35 -7.91
CA ALA B 77 5.07 3.07 -7.46
C ALA B 77 3.78 2.75 -8.22
N ILE B 78 3.50 1.47 -8.40
CA ILE B 78 2.26 1.06 -9.02
C ILE B 78 1.59 -0.02 -8.20
N ILE B 79 0.28 0.13 -7.99
CA ILE B 79 -0.54 -0.97 -7.50
C ILE B 79 -1.39 -1.47 -8.63
N LEU B 80 -1.23 -2.75 -8.93
CA LEU B 80 -1.95 -3.37 -10.03
C LEU B 80 -3.01 -4.32 -9.47
N LYS B 81 -4.21 -4.26 -10.01
CA LYS B 81 -5.28 -5.10 -9.49
C LYS B 81 -5.67 -6.10 -10.55
N THR B 82 -5.71 -7.36 -10.15
CA THR B 82 -6.05 -8.41 -11.09
C THR B 82 -6.68 -9.55 -10.32
N THR B 83 -6.94 -10.68 -10.99
CA THR B 83 -7.44 -11.85 -10.27
C THR B 83 -6.27 -12.79 -9.94
N ASN B 84 -6.46 -13.63 -8.92
CA ASN B 84 -5.37 -14.50 -8.45
C ASN B 84 -4.87 -15.54 -9.46
N ASP B 85 -5.69 -15.93 -10.43
CA ASP B 85 -5.22 -16.88 -11.43
C ASP B 85 -4.29 -16.25 -12.48
N LEU B 86 -4.22 -14.93 -12.51
CA LEU B 86 -3.40 -14.23 -13.49
C LEU B 86 -2.11 -13.66 -12.89
N VAL B 87 -1.92 -13.82 -11.59
CA VAL B 87 -0.81 -13.22 -10.87
C VAL B 87 0.57 -13.64 -11.40
N GLN B 88 0.78 -14.94 -11.61
CA GLN B 88 2.06 -15.41 -12.14
C GLN B 88 2.35 -14.89 -13.54
N HIS B 89 1.36 -14.94 -14.43
CA HIS B 89 1.54 -14.43 -15.78
C HIS B 89 1.83 -12.94 -15.76
N ALA B 90 1.10 -12.21 -14.92
CA ALA B 90 1.30 -10.78 -14.83
C ALA B 90 2.70 -10.49 -14.32
N THR B 91 3.15 -11.25 -13.33
CA THR B 91 4.52 -11.10 -12.82
C THR B 91 5.57 -11.41 -13.88
N ASN B 92 5.38 -12.50 -14.62
CA ASN B 92 6.31 -12.89 -15.66
C ASN B 92 6.41 -11.79 -16.70
N LYS B 93 5.26 -11.22 -17.05
CA LYS B 93 5.21 -10.19 -18.07
C LYS B 93 5.89 -8.91 -17.60
N ILE B 94 5.65 -8.53 -16.34
CA ILE B 94 6.28 -7.34 -15.81
C ILE B 94 7.80 -7.50 -15.81
N GLN B 95 8.26 -8.68 -15.42
CA GLN B 95 9.67 -8.99 -15.38
C GLN B 95 10.29 -8.89 -16.77
N ALA B 96 9.56 -9.37 -17.77
CA ALA B 96 10.03 -9.34 -19.15
C ALA B 96 10.19 -7.92 -19.68
N ILE B 97 9.31 -7.01 -19.27
CA ILE B 97 9.30 -5.67 -19.86
C ILE B 97 9.83 -4.56 -18.94
N HIS B 98 10.20 -4.92 -17.72
CA HIS B 98 10.68 -3.92 -16.75
C HIS B 98 12.04 -3.35 -17.12
N PRO B 99 12.21 -2.03 -16.97
CA PRO B 99 13.50 -1.37 -17.20
C PRO B 99 14.62 -1.86 -16.24
N TYR B 100 14.25 -2.23 -15.01
CA TYR B 100 15.24 -2.73 -14.04
C TYR B 100 15.62 -4.20 -14.25
N ASP B 101 16.88 -4.51 -14.01
CA ASP B 101 17.33 -5.90 -13.99
C ASP B 101 16.77 -6.66 -12.80
N THR B 102 16.73 -6.00 -11.65
CA THR B 102 16.16 -6.58 -10.44
C THR B 102 15.02 -5.71 -9.91
N PRO B 103 13.83 -5.84 -10.52
CA PRO B 103 12.68 -5.07 -10.05
C PRO B 103 12.01 -5.73 -8.84
N ALA B 104 11.37 -4.90 -8.01
CA ALA B 104 10.47 -5.42 -7.00
C ALA B 104 9.11 -5.69 -7.65
N ILE B 105 8.73 -6.96 -7.72
CA ILE B 105 7.39 -7.35 -8.16
C ILE B 105 6.74 -8.19 -7.08
N ILE B 106 5.85 -7.57 -6.31
CA ILE B 106 5.36 -8.16 -5.07
C ILE B 106 3.85 -8.40 -5.07
N THR B 107 3.43 -9.59 -4.65
CA THR B 107 2.00 -9.94 -4.67
C THR B 107 1.40 -9.90 -3.28
N ILE B 108 0.30 -9.17 -3.15
CA ILE B 108 -0.44 -9.13 -1.91
C ILE B 108 -1.88 -9.61 -2.16
N ASP B 109 -2.32 -10.57 -1.35
CA ASP B 109 -3.67 -11.11 -1.49
C ASP B 109 -4.60 -10.45 -0.48
N PRO B 110 -5.50 -9.58 -0.97
CA PRO B 110 -6.47 -8.93 -0.07
C PRO B 110 -7.34 -9.97 0.62
N THR B 111 -7.89 -9.67 1.79
CA THR B 111 -8.77 -10.64 2.45
C THR B 111 -10.22 -10.51 1.96
N ASN B 112 -10.57 -9.35 1.44
CA ASN B 112 -11.93 -9.07 1.03
C ASN B 112 -12.03 -7.91 0.01
N ALA B 113 -13.09 -7.89 -0.78
CA ALA B 113 -13.42 -6.70 -1.55
C ALA B 113 -14.90 -6.65 -1.75
N ASN B 114 -15.42 -5.46 -2.06
CA ASN B 114 -16.83 -5.34 -2.38
C ASN B 114 -17.16 -6.11 -3.66
N ASP B 115 -18.28 -6.84 -3.63
CA ASP B 115 -18.66 -7.75 -4.71
C ASP B 115 -18.64 -7.10 -6.09
N LYS B 116 -19.20 -5.89 -6.20
CA LYS B 116 -19.27 -5.21 -7.50
C LYS B 116 -17.88 -5.05 -8.11
N PHE B 117 -16.89 -4.77 -7.26
CA PHE B 117 -15.53 -4.57 -7.74
C PHE B 117 -14.89 -5.92 -8.14
N ILE B 118 -15.16 -6.95 -7.35
CA ILE B 118 -14.66 -8.28 -7.67
C ILE B 118 -15.18 -8.74 -9.01
N GLN B 119 -16.45 -8.45 -9.25
CA GLN B 119 -17.10 -8.76 -10.52
C GLN B 119 -16.39 -8.06 -11.67
N TRP B 120 -16.20 -6.77 -11.50
CA TRP B 120 -15.64 -5.94 -12.55
C TRP B 120 -14.18 -6.35 -12.91
N VAL B 121 -13.38 -6.65 -11.90
CA VAL B 121 -12.01 -7.09 -12.11
C VAL B 121 -12.00 -8.40 -12.90
N ASN B 122 -12.89 -9.33 -12.55
CA ASN B 122 -13.04 -10.58 -13.31
C ASN B 122 -13.45 -10.32 -14.76
N ASP B 123 -14.45 -9.47 -14.98
CA ASP B 123 -14.94 -9.20 -16.33
C ASP B 123 -13.90 -8.53 -17.21
N CYS B 124 -13.11 -7.63 -16.63
CA CYS B 124 -12.10 -6.92 -17.39
C CYS B 124 -10.98 -7.83 -17.85
N THR B 125 -10.75 -8.90 -17.11
CA THR B 125 -9.57 -9.70 -17.35
C THR B 125 -9.89 -11.04 -18.00
N ALA B 126 -11.18 -11.33 -18.15
CA ALA B 126 -11.59 -12.56 -18.81
C ALA B 126 -11.36 -12.43 -20.30
N LEU B 127 -10.79 -13.47 -20.90
CA LEU B 127 -10.60 -13.49 -22.35
C LEU B 127 -11.93 -13.40 -23.11
N SER C 21 18.40 -15.86 -1.04
CA SER C 21 16.98 -15.97 -1.39
C SER C 21 16.28 -17.01 -0.52
N MET C 22 16.88 -17.34 0.62
CA MET C 22 16.33 -18.39 1.47
C MET C 22 15.05 -17.90 2.19
N LYS C 23 15.05 -16.66 2.70
CA LYS C 23 13.94 -16.20 3.54
C LYS C 23 12.92 -15.28 2.83
N ASN C 24 11.66 -15.46 3.17
CA ASN C 24 10.58 -14.70 2.57
C ASN C 24 10.63 -13.25 2.98
N ILE C 25 10.18 -12.38 2.09
CA ILE C 25 10.26 -10.98 2.39
C ILE C 25 9.02 -10.54 3.16
N SER C 26 9.18 -9.51 3.96
CA SER C 26 8.05 -8.89 4.63
C SER C 26 8.06 -7.39 4.40
N LEU C 27 6.88 -6.78 4.44
CA LEU C 27 6.74 -5.34 4.30
C LEU C 27 6.36 -4.67 5.62
N LEU C 28 6.97 -3.53 5.89
CA LEU C 28 6.55 -2.70 7.01
C LEU C 28 5.98 -1.38 6.53
N TYR C 29 4.90 -0.93 7.16
CA TYR C 29 4.28 0.34 6.82
C TYR C 29 4.27 1.22 8.05
N THR C 30 4.65 2.46 7.89
CA THR C 30 4.63 3.43 9.00
C THR C 30 4.46 4.84 8.42
N THR C 31 4.13 5.80 9.28
CA THR C 31 4.07 7.19 8.83
C THR C 31 4.90 8.11 9.70
N THR C 32 5.29 9.26 9.16
CA THR C 32 6.11 10.19 9.90
C THR C 32 5.61 11.60 9.70
N PRO C 33 5.84 12.47 10.70
CA PRO C 33 5.35 13.84 10.58
C PRO C 33 6.07 14.62 9.47
N THR C 34 7.35 14.35 9.20
CA THR C 34 8.04 15.06 8.12
C THR C 34 8.79 14.09 7.22
N TYR C 35 9.20 14.57 6.04
CA TYR C 35 10.03 13.80 5.15
C TYR C 35 11.39 13.47 5.80
N GLU C 36 11.95 14.43 6.51
CA GLU C 36 13.25 14.28 7.18
C GLU C 36 13.23 13.09 8.14
N ASP C 37 12.15 12.98 8.90
CA ASP C 37 11.93 11.84 9.80
C ASP C 37 11.89 10.52 9.04
N ALA C 38 11.21 10.50 7.89
CA ALA C 38 11.09 9.28 7.11
C ALA C 38 12.46 8.89 6.58
N TYR C 39 13.22 9.88 6.11
CA TYR C 39 14.54 9.62 5.58
C TYR C 39 15.48 9.14 6.70
N ARG C 40 15.35 9.76 7.86
CA ARG C 40 16.19 9.39 9.00
C ARG C 40 15.97 7.92 9.39
N ILE C 41 14.70 7.53 9.55
CA ILE C 41 14.37 6.16 9.92
C ILE C 41 14.85 5.16 8.86
N SER C 42 14.66 5.49 7.59
CA SER C 42 15.12 4.64 6.49
C SER C 42 16.62 4.41 6.60
N ASN C 43 17.33 5.51 6.75
CA ASN C 43 18.76 5.50 7.00
C ASN C 43 19.22 4.62 8.16
N ILE C 44 18.63 4.83 9.33
CA ILE C 44 19.02 4.05 10.49
C ILE C 44 18.79 2.55 10.23
N LEU C 45 17.65 2.18 9.64
CA LEU C 45 17.37 0.79 9.36
C LEU C 45 18.35 0.21 8.34
N LEU C 46 18.69 1.00 7.33
CA LEU C 46 19.63 0.54 6.31
C LEU C 46 21.03 0.34 6.92
N GLU C 47 21.50 1.28 7.73
CA GLU C 47 22.85 1.14 8.25
C GLU C 47 22.91 -0.07 9.19
N ASN C 48 21.79 -0.45 9.78
CA ASN C 48 21.78 -1.65 10.61
C ASN C 48 21.46 -2.89 9.80
N LYS C 49 21.30 -2.74 8.49
CA LYS C 49 20.95 -3.86 7.60
C LYS C 49 19.65 -4.56 8.04
N LEU C 50 18.74 -3.78 8.62
CA LEU C 50 17.47 -4.29 9.08
C LEU C 50 16.40 -4.23 7.96
N ILE C 51 16.62 -3.39 6.95
CA ILE C 51 15.79 -3.40 5.74
C ILE C 51 16.69 -3.42 4.51
N ALA C 52 16.10 -3.68 3.35
CA ALA C 52 16.81 -3.64 2.07
C ALA C 52 16.53 -2.33 1.34
N CYS C 53 15.33 -1.77 1.55
CA CYS C 53 15.04 -0.47 0.98
C CYS C 53 13.80 0.13 1.61
N ALA C 54 13.60 1.42 1.34
CA ALA C 54 12.41 2.14 1.78
C ALA C 54 11.82 2.87 0.59
N ASN C 55 10.49 2.86 0.48
CA ASN C 55 9.80 3.72 -0.45
C ASN C 55 9.05 4.76 0.35
N ILE C 56 9.43 6.02 0.18
CA ILE C 56 8.81 7.10 0.93
C ILE C 56 7.83 7.86 0.07
N PHE C 57 6.58 7.93 0.54
CA PHE C 57 5.52 8.68 -0.09
C PHE C 57 5.35 10.01 0.65
N SER C 58 5.51 11.12 -0.06
CA SER C 58 5.44 12.42 0.59
C SER C 58 4.07 13.08 0.53
N ASN C 59 3.89 14.05 1.42
CA ASN C 59 2.71 14.90 1.42
C ASN C 59 1.41 14.10 1.36
N ILE C 60 1.25 13.19 2.30
CA ILE C 60 -0.01 12.50 2.47
C ILE C 60 -0.78 13.28 3.52
N THR C 61 -2.11 13.23 3.45
CA THR C 61 -2.89 13.84 4.50
C THR C 61 -3.42 12.77 5.44
N SER C 62 -3.21 12.97 6.72
CA SER C 62 -3.67 12.01 7.70
C SER C 62 -4.85 12.60 8.47
N VAL C 63 -5.93 11.83 8.61
CA VAL C 63 -7.14 12.31 9.26
C VAL C 63 -7.54 11.37 10.39
N TYR C 64 -7.91 11.95 11.54
CA TYR C 64 -8.17 11.21 12.78
C TYR C 64 -8.98 12.09 13.73
N VAL C 65 -9.39 11.54 14.87
CA VAL C 65 -10.08 12.38 15.85
C VAL C 65 -9.17 12.74 17.03
N TRP C 66 -9.14 14.03 17.38
CA TRP C 66 -8.47 14.53 18.57
C TRP C 66 -9.37 15.55 19.25
N GLU C 67 -9.47 15.45 20.57
CA GLU C 67 -10.27 16.38 21.37
C GLU C 67 -11.71 16.43 20.88
N ASP C 68 -12.25 15.25 20.57
CA ASP C 68 -13.65 15.08 20.17
C ASP C 68 -13.99 15.79 18.85
N GLU C 69 -12.97 16.19 18.09
CA GLU C 69 -13.16 16.76 16.77
C GLU C 69 -12.27 16.07 15.73
N ILE C 70 -12.59 16.24 14.45
CA ILE C 70 -11.83 15.60 13.38
C ILE C 70 -10.66 16.49 12.94
N HIS C 71 -9.45 15.96 13.04
CA HIS C 71 -8.25 16.73 12.69
C HIS C 71 -7.43 16.11 11.57
N ASN C 72 -6.61 16.95 10.95
CA ASN C 72 -5.70 16.47 9.94
C ASN C 72 -4.35 17.16 9.98
N ASN C 73 -3.31 16.41 9.62
CA ASN C 73 -1.99 16.97 9.40
C ASN C 73 -1.27 16.26 8.26
N THR C 74 -0.12 16.78 7.90
CA THR C 74 0.66 16.27 6.79
C THR C 74 1.65 15.24 7.31
N GLU C 75 1.81 14.17 6.54
CA GLU C 75 2.75 13.13 6.91
C GLU C 75 3.45 12.59 5.67
N CYS C 76 4.45 11.76 5.91
CA CYS C 76 4.98 10.92 4.88
C CYS C 76 4.62 9.50 5.24
N ALA C 77 4.39 8.66 4.23
CA ALA C 77 4.27 7.24 4.48
C ALA C 77 5.53 6.53 3.99
N ILE C 78 5.87 5.42 4.64
CA ILE C 78 6.99 4.59 4.22
C ILE C 78 6.61 3.13 4.10
N ILE C 79 7.00 2.51 2.98
CA ILE C 79 6.96 1.07 2.90
C ILE C 79 8.41 0.57 2.99
N LEU C 80 8.64 -0.33 3.93
CA LEU C 80 9.95 -0.90 4.19
C LEU C 80 9.99 -2.36 3.77
N LYS C 81 11.05 -2.78 3.10
CA LYS C 81 11.15 -4.17 2.63
C LYS C 81 12.31 -4.88 3.33
N THR C 82 12.04 -6.06 3.89
CA THR C 82 13.07 -6.79 4.61
C THR C 82 12.75 -8.29 4.57
N THR C 83 13.50 -9.10 5.31
CA THR C 83 13.17 -10.50 5.42
C THR C 83 12.34 -10.76 6.68
N ASN C 84 11.58 -11.84 6.68
CA ASN C 84 10.64 -12.11 7.78
C ASN C 84 11.30 -12.31 9.15
N ASP C 85 12.54 -12.80 9.17
CA ASP C 85 13.24 -13.03 10.43
C ASP C 85 13.76 -11.74 11.05
N LEU C 86 13.70 -10.64 10.29
CA LEU C 86 14.20 -9.36 10.75
C LEU C 86 13.07 -8.42 11.15
N VAL C 87 11.83 -8.85 10.94
CA VAL C 87 10.66 -8.00 11.16
C VAL C 87 10.55 -7.50 12.58
N GLN C 88 10.73 -8.41 13.53
CA GLN C 88 10.64 -8.04 14.94
C GLN C 88 11.72 -7.06 15.33
N HIS C 89 12.93 -7.35 14.89
CA HIS C 89 14.05 -6.47 15.18
C HIS C 89 13.84 -5.11 14.53
N ALA C 90 13.34 -5.11 13.29
CA ALA C 90 13.11 -3.86 12.60
C ALA C 90 12.03 -3.03 13.30
N THR C 91 10.95 -3.69 13.73
CA THR C 91 9.86 -3.02 14.45
C THR C 91 10.34 -2.46 15.79
N ASN C 92 11.11 -3.24 16.53
CA ASN C 92 11.63 -2.77 17.80
C ASN C 92 12.47 -1.52 17.60
N LYS C 93 13.27 -1.52 16.54
CA LYS C 93 14.16 -0.43 16.25
C LYS C 93 13.36 0.81 15.84
N ILE C 94 12.32 0.61 15.04
CA ILE C 94 11.48 1.73 14.64
C ILE C 94 10.82 2.37 15.87
N GLN C 95 10.34 1.55 16.81
CA GLN C 95 9.68 2.08 18.01
C GLN C 95 10.67 2.93 18.82
N ALA C 96 11.91 2.46 18.91
CA ALA C 96 12.93 3.16 19.67
C ALA C 96 13.29 4.51 19.07
N ILE C 97 13.18 4.66 17.75
CA ILE C 97 13.66 5.87 17.10
C ILE C 97 12.59 6.78 16.53
N HIS C 98 11.34 6.34 16.58
CA HIS C 98 10.22 7.09 15.97
C HIS C 98 9.91 8.38 16.73
N PRO C 99 9.68 9.48 16.00
CA PRO C 99 9.24 10.73 16.65
C PRO C 99 7.87 10.60 17.37
N TYR C 100 6.96 9.76 16.88
CA TYR C 100 5.66 9.56 17.57
C TYR C 100 5.74 8.62 18.79
N ASP C 101 4.98 8.94 19.85
CA ASP C 101 4.77 8.05 20.98
C ASP C 101 3.93 6.83 20.62
N THR C 102 2.94 7.04 19.76
CA THR C 102 2.14 5.93 19.28
C THR C 102 2.26 5.83 17.76
N PRO C 103 3.37 5.24 17.28
CA PRO C 103 3.51 5.14 15.82
C PRO C 103 2.71 3.97 15.28
N ALA C 104 2.27 4.07 14.03
CA ALA C 104 1.74 2.92 13.34
C ALA C 104 2.91 2.15 12.74
N ILE C 105 3.14 0.93 13.21
CA ILE C 105 4.15 0.10 12.58
C ILE C 105 3.54 -1.22 12.16
N ILE C 106 3.28 -1.36 10.86
CA ILE C 106 2.40 -2.43 10.41
C ILE C 106 3.14 -3.40 9.48
N THR C 107 2.93 -4.69 9.74
CA THR C 107 3.58 -5.74 8.97
C THR C 107 2.60 -6.40 8.01
N ILE C 108 2.99 -6.45 6.75
CA ILE C 108 2.24 -7.09 5.71
C ILE C 108 3.13 -8.16 5.06
N ASP C 109 2.62 -9.39 4.98
CA ASP C 109 3.39 -10.49 4.40
C ASP C 109 2.91 -10.76 2.98
N PRO C 110 3.76 -10.43 1.99
CA PRO C 110 3.39 -10.70 0.60
C PRO C 110 3.19 -12.22 0.37
N THR C 111 2.33 -12.58 -0.59
CA THR C 111 2.09 -13.99 -0.88
C THR C 111 3.09 -14.47 -1.89
N ASN C 112 3.67 -13.54 -2.63
CA ASN C 112 4.64 -13.93 -3.64
C ASN C 112 5.55 -12.77 -4.00
N ALA C 113 6.76 -13.08 -4.46
CA ALA C 113 7.61 -12.09 -5.08
C ALA C 113 8.51 -12.76 -6.11
N ASN C 114 9.04 -11.98 -7.07
CA ASN C 114 10.02 -12.50 -8.02
C ASN C 114 11.32 -12.86 -7.32
N ASP C 115 11.88 -14.02 -7.71
CA ASP C 115 13.06 -14.61 -7.09
C ASP C 115 14.24 -13.64 -7.00
N LYS C 116 14.49 -12.93 -8.09
CA LYS C 116 15.59 -12.00 -8.13
C LYS C 116 15.49 -10.96 -7.04
N PHE C 117 14.27 -10.49 -6.75
CA PHE C 117 14.08 -9.47 -5.72
C PHE C 117 14.23 -10.07 -4.32
N ILE C 118 13.71 -11.28 -4.13
CA ILE C 118 13.85 -12.01 -2.87
C ILE C 118 15.34 -12.25 -2.56
N GLN C 119 16.06 -12.63 -3.60
CA GLN C 119 17.48 -12.85 -3.50
C GLN C 119 18.15 -11.54 -3.03
N TRP C 120 17.80 -10.44 -3.69
CA TRP C 120 18.43 -9.16 -3.40
C TRP C 120 18.12 -8.67 -1.98
N VAL C 121 16.86 -8.79 -1.56
CA VAL C 121 16.46 -8.35 -0.23
C VAL C 121 17.22 -9.12 0.85
N ASN C 122 17.35 -10.43 0.64
CA ASN C 122 18.18 -11.28 1.48
C ASN C 122 19.66 -10.86 1.49
N ASP C 123 20.24 -10.62 0.31
CA ASP C 123 21.66 -10.26 0.24
C ASP C 123 21.93 -8.92 0.92
N CYS C 124 21.00 -7.99 0.78
CA CYS C 124 21.18 -6.65 1.35
C CYS C 124 21.13 -6.64 2.86
N THR C 125 20.46 -7.61 3.45
CA THR C 125 20.21 -7.54 4.88
C THR C 125 21.11 -8.51 5.66
N ALA C 126 21.91 -9.29 4.93
CA ALA C 126 22.89 -10.17 5.58
C ALA C 126 24.03 -9.33 6.11
N LEU C 127 24.42 -9.60 7.35
CA LEU C 127 25.55 -8.90 7.95
C LEU C 127 26.86 -9.18 7.22
CA CA D . -21.49 16.88 10.69
CA CA E . -11.68 -9.51 8.32
CA CA F . -0.67 0.37 -29.19
CA CA G . 26.10 7.97 10.96
CA CA H . 6.58 -12.36 10.02
#